data_9GPJ
#
_entry.id   9GPJ
#
_cell.length_a   51.425
_cell.length_b   51.425
_cell.length_c   172.080
_cell.angle_alpha   90.000
_cell.angle_beta   90.000
_cell.angle_gamma   90.000
#
_symmetry.space_group_name_H-M   'P 43 21 2'
#
loop_
_entity.id
_entity.type
_entity.pdbx_description
1 polymer 'Heterogeneous nuclear ribonucleoprotein A1, N-terminally processed'
2 polymer "DNA (5'-D(P*TP*AP*GP*GP*GP*TP*TP*AP*GP*GP*G)-3')"
3 water water
#
loop_
_entity_poly.entity_id
_entity_poly.type
_entity_poly.pdbx_seq_one_letter_code
_entity_poly.pdbx_strand_id
1 'polypeptide(L)'
;GPMGSKDEDPKEPEQLRKLFIGGLSFETTDESLRSHFEQWGTLTDCVVMRDPNTKRSRGFGFVTYATVEEVDAAMNARPH
KVDGRVVEPKRAVSREDSQRPGAHLTVKKIFVGGIKEDTEEHHLRDYFEQYGKIEVIEIMTDRGSGKKRGFAFVTFDDHD
SVDKIVIQKYHTVNGHNCEVRKALSKQEMASASSSQRG
;
A
2 'polydeoxyribonucleotide' (DT)(DT)(DA)(DG)(DG)(DG)(DT)(DT)(DA)(DG)(DG)(DG) B
#
loop_
_chem_comp.id
_chem_comp.type
_chem_comp.name
_chem_comp.formula
DA DNA linking 2'-DEOXYADENOSINE-5'-MONOPHOSPHATE 'C10 H14 N5 O6 P'
DG DNA linking 2'-DEOXYGUANOSINE-5'-MONOPHOSPHATE 'C10 H14 N5 O7 P'
DT DNA linking THYMIDINE-5'-MONOPHOSPHATE 'C10 H15 N2 O8 P'
#
# COMPACT_ATOMS: atom_id res chain seq x y z
N PRO A 10 14.02 14.35 9.30
CA PRO A 10 14.19 12.95 8.94
C PRO A 10 14.71 12.79 7.51
N LYS A 11 15.45 11.71 7.25
CA LYS A 11 16.07 11.55 5.96
C LYS A 11 15.08 11.01 4.92
N GLU A 12 14.22 10.08 5.32
CA GLU A 12 13.28 9.46 4.40
C GLU A 12 12.10 10.40 4.15
N PRO A 13 11.54 10.36 2.93
CA PRO A 13 10.46 11.30 2.59
C PRO A 13 9.25 11.17 3.50
N GLU A 14 8.62 12.32 3.79
CA GLU A 14 7.44 12.35 4.63
C GLU A 14 6.37 11.39 4.12
N GLN A 15 6.19 11.30 2.81
CA GLN A 15 5.11 10.45 2.28
C GLN A 15 5.30 9.00 2.70
N LEU A 16 6.54 8.51 2.73
CA LEU A 16 6.82 7.11 3.08
C LEU A 16 6.89 6.89 4.59
N ARG A 17 6.89 7.97 5.39
CA ARG A 17 6.87 7.83 6.84
C ARG A 17 5.46 7.94 7.40
N LYS A 18 4.44 8.05 6.56
CA LYS A 18 3.09 8.39 6.98
C LYS A 18 2.13 7.22 6.74
N LEU A 19 1.23 7.01 7.70
CA LEU A 19 0.15 6.05 7.58
C LEU A 19 -1.19 6.76 7.59
N PHE A 20 -2.07 6.35 6.69
CA PHE A 20 -3.50 6.66 6.76
C PHE A 20 -4.11 5.74 7.80
N ILE A 21 -4.92 6.28 8.71
CA ILE A 21 -5.64 5.46 9.69
C ILE A 21 -7.13 5.62 9.41
N GLY A 22 -7.76 4.58 8.88
CA GLY A 22 -9.16 4.64 8.54
C GLY A 22 -10.04 4.02 9.62
N GLY A 23 -11.31 4.41 9.59
CA GLY A 23 -12.28 3.82 10.50
C GLY A 23 -12.12 4.23 11.95
N LEU A 24 -11.71 5.46 12.21
CA LEU A 24 -11.59 5.93 13.58
C LEU A 24 -12.94 6.05 14.24
N SER A 25 -12.98 5.74 15.53
CA SER A 25 -14.14 6.09 16.33
C SER A 25 -14.42 7.58 16.26
N PHE A 26 -15.70 7.94 16.35
N PHE A 26 -15.72 7.91 16.33
CA PHE A 26 -16.07 9.35 16.34
CA PHE A 26 -16.14 9.31 16.40
C PHE A 26 -15.39 10.12 17.46
C PHE A 26 -15.33 10.09 17.42
N GLU A 27 -14.98 9.44 18.54
CA GLU A 27 -14.38 10.12 19.69
C GLU A 27 -12.90 10.40 19.51
N THR A 28 -12.22 9.73 18.59
CA THR A 28 -10.76 9.78 18.55
C THR A 28 -10.30 11.20 18.20
N THR A 29 -9.28 11.66 18.92
CA THR A 29 -8.71 12.99 18.77
C THR A 29 -7.25 12.86 18.36
N ASP A 30 -6.65 13.99 17.96
CA ASP A 30 -5.21 14.04 17.75
C ASP A 30 -4.48 13.38 18.92
N GLU A 31 -4.90 13.74 20.15
CA GLU A 31 -4.18 13.29 21.33
C GLU A 31 -4.36 11.79 21.57
N SER A 32 -5.59 11.27 21.42
CA SER A 32 -5.77 9.84 21.68
C SER A 32 -5.15 9.00 20.56
N LEU A 33 -5.17 9.49 19.32
CA LEU A 33 -4.50 8.79 18.23
C LEU A 33 -3.00 8.73 18.48
N ARG A 34 -2.42 9.85 18.90
CA ARG A 34 -1.00 9.91 19.24
C ARG A 34 -0.66 8.96 20.38
N SER A 35 -1.48 8.95 21.44
N SER A 35 -1.48 8.94 21.43
CA SER A 35 -1.19 8.08 22.58
CA SER A 35 -1.21 8.08 22.58
C SER A 35 -1.09 6.62 22.15
C SER A 35 -1.11 6.62 22.16
N HIS A 36 -1.92 6.20 21.19
CA HIS A 36 -1.86 4.82 20.74
C HIS A 36 -0.61 4.58 19.89
N PHE A 37 -0.43 5.38 18.84
CA PHE A 37 0.58 5.05 17.84
C PHE A 37 1.99 5.44 18.27
N GLU A 38 2.13 6.25 19.31
CA GLU A 38 3.48 6.53 19.80
CA GLU A 38 3.48 6.53 19.81
C GLU A 38 4.14 5.29 20.41
N GLN A 39 3.39 4.20 20.61
CA GLN A 39 3.98 2.98 21.14
C GLN A 39 4.99 2.34 20.18
N TRP A 40 4.98 2.72 18.91
CA TRP A 40 5.87 2.09 17.95
C TRP A 40 6.91 3.05 17.39
N GLY A 41 6.97 4.27 17.91
CA GLY A 41 8.05 5.15 17.54
C GLY A 41 7.72 6.60 17.79
N THR A 42 8.64 7.46 17.37
CA THR A 42 8.50 8.90 17.53
C THR A 42 7.60 9.43 16.43
N LEU A 43 6.53 10.12 16.81
CA LEU A 43 5.60 10.67 15.83
C LEU A 43 6.01 12.10 15.50
N THR A 44 6.17 12.38 14.22
CA THR A 44 6.43 13.74 13.76
C THR A 44 5.16 14.49 13.36
N ASP A 45 4.05 13.76 13.19
CA ASP A 45 2.78 14.35 12.80
C ASP A 45 1.72 13.37 13.26
N CYS A 46 0.57 13.90 13.68
CA CYS A 46 -0.55 13.07 14.11
C CYS A 46 -1.80 13.94 14.06
N VAL A 47 -2.76 13.56 13.24
CA VAL A 47 -3.89 14.45 12.97
C VAL A 47 -5.13 13.63 12.67
N VAL A 48 -6.26 14.08 13.20
CA VAL A 48 -7.57 13.53 12.89
C VAL A 48 -8.24 14.52 11.96
N MET A 49 -8.70 14.05 10.80
CA MET A 49 -9.32 14.97 9.84
C MET A 49 -10.76 15.25 10.23
N ARG A 50 -11.16 16.49 10.03
CA ARG A 50 -12.44 16.99 10.52
C ARG A 50 -13.08 17.79 9.41
N ASP A 51 -14.40 17.82 9.39
CA ASP A 51 -15.08 18.73 8.48
C ASP A 51 -14.86 20.16 8.96
N PRO A 52 -14.49 21.09 8.08
CA PRO A 52 -14.15 22.45 8.53
C PRO A 52 -15.19 23.12 9.42
N ASN A 53 -16.42 23.30 8.90
CA ASN A 53 -17.42 24.06 9.65
C ASN A 53 -17.88 23.30 10.89
N THR A 54 -18.24 22.03 10.73
CA THR A 54 -18.78 21.28 11.85
C THR A 54 -17.71 20.69 12.77
N LYS A 55 -16.46 20.63 12.32
CA LYS A 55 -15.31 20.15 13.10
C LYS A 55 -15.47 18.72 13.58
N ARG A 56 -16.50 18.06 13.10
CA ARG A 56 -16.80 16.69 13.40
C ARG A 56 -15.73 15.83 12.77
N SER A 57 -15.44 14.69 13.37
CA SER A 57 -14.42 13.86 12.76
C SER A 57 -14.93 13.29 11.43
N ARG A 58 -14.04 13.24 10.44
CA ARG A 58 -14.34 12.51 9.21
C ARG A 58 -14.05 11.02 9.34
N GLY A 59 -13.62 10.58 10.51
CA GLY A 59 -13.40 9.16 10.74
C GLY A 59 -12.12 8.62 10.18
N PHE A 60 -11.14 9.48 9.88
CA PHE A 60 -9.82 9.03 9.48
C PHE A 60 -8.79 10.06 9.91
N GLY A 61 -7.53 9.64 9.94
CA GLY A 61 -6.47 10.58 10.23
C GLY A 61 -5.17 10.06 9.67
N PHE A 62 -4.08 10.72 10.08
CA PHE A 62 -2.76 10.28 9.64
C PHE A 62 -1.81 10.29 10.81
N VAL A 63 -0.89 9.33 10.84
CA VAL A 63 0.25 9.38 11.75
C VAL A 63 1.53 9.30 10.92
N THR A 64 2.54 10.05 11.34
CA THR A 64 3.83 10.05 10.64
C THR A 64 4.93 9.79 11.65
N TYR A 65 5.78 8.81 11.35
CA TYR A 65 6.88 8.43 12.22
C TYR A 65 8.18 9.08 11.75
N ALA A 66 9.19 9.04 12.63
CA ALA A 66 10.48 9.61 12.27
C ALA A 66 11.21 8.76 11.25
N THR A 67 10.92 7.46 11.19
CA THR A 67 11.56 6.56 10.23
C THR A 67 10.56 5.58 9.66
N VAL A 68 10.88 5.08 8.46
CA VAL A 68 10.07 4.03 7.84
C VAL A 68 10.14 2.75 8.66
N GLU A 69 11.28 2.48 9.31
CA GLU A 69 11.37 1.31 10.18
C GLU A 69 10.27 1.34 11.24
N GLU A 70 9.98 2.53 11.78
CA GLU A 70 8.92 2.63 12.77
C GLU A 70 7.55 2.42 12.14
N VAL A 71 7.35 2.93 10.91
CA VAL A 71 6.12 2.63 10.17
C VAL A 71 5.94 1.12 10.05
N ASP A 72 7.00 0.43 9.64
CA ASP A 72 6.97 -1.01 9.48
C ASP A 72 6.61 -1.72 10.79
N ALA A 73 7.18 -1.25 11.91
CA ALA A 73 6.83 -1.82 13.21
C ALA A 73 5.34 -1.64 13.50
N ALA A 74 4.78 -0.47 13.18
CA ALA A 74 3.36 -0.24 13.43
C ALA A 74 2.48 -1.19 12.61
N MET A 75 2.71 -1.28 11.29
CA MET A 75 2.05 -2.32 10.48
C MET A 75 2.27 -3.74 10.97
N ASN A 76 3.44 -4.07 11.51
CA ASN A 76 3.63 -5.44 12.00
C ASN A 76 2.82 -5.72 13.26
N ALA A 77 2.28 -4.69 13.91
CA ALA A 77 1.50 -4.84 15.14
C ALA A 77 0.00 -4.84 14.90
N ARG A 78 -0.45 -4.93 13.64
CA ARG A 78 -1.86 -5.07 13.37
C ARG A 78 -2.38 -6.35 14.03
N PRO A 79 -3.65 -6.38 14.44
CA PRO A 79 -4.68 -5.35 14.33
C PRO A 79 -4.56 -4.28 15.42
N HIS A 80 -4.93 -3.06 15.10
CA HIS A 80 -4.90 -1.94 16.02
C HIS A 80 -6.30 -1.57 16.48
N LYS A 81 -6.46 -1.42 17.78
CA LYS A 81 -7.69 -0.95 18.40
C LYS A 81 -7.41 0.42 19.01
N VAL A 82 -8.13 1.43 18.57
CA VAL A 82 -7.94 2.79 19.07
C VAL A 82 -9.26 3.26 19.65
N ASP A 83 -9.26 3.64 20.92
CA ASP A 83 -10.45 4.15 21.59
C ASP A 83 -11.60 3.15 21.44
N GLY A 84 -11.28 1.88 21.51
CA GLY A 84 -12.26 0.82 21.53
C GLY A 84 -12.71 0.33 20.17
N ARG A 85 -12.21 0.90 19.09
CA ARG A 85 -12.62 0.52 17.74
C ARG A 85 -11.43 -0.02 16.97
N VAL A 86 -11.64 -1.10 16.24
CA VAL A 86 -10.64 -1.63 15.34
C VAL A 86 -10.50 -0.67 14.17
N VAL A 87 -9.29 -0.14 13.97
CA VAL A 87 -9.03 0.80 12.91
C VAL A 87 -8.24 0.10 11.81
N GLU A 88 -8.04 0.81 10.70
CA GLU A 88 -7.44 0.23 9.50
C GLU A 88 -6.27 1.08 9.05
N PRO A 89 -5.07 0.80 9.52
CA PRO A 89 -3.89 1.55 9.05
C PRO A 89 -3.47 1.07 7.66
N LYS A 90 -3.08 2.03 6.83
CA LYS A 90 -2.66 1.77 5.46
C LYS A 90 -1.51 2.69 5.13
N ARG A 91 -0.59 2.22 4.28
CA ARG A 91 0.41 3.13 3.73
C ARG A 91 -0.28 4.33 3.09
N ALA A 92 0.26 5.53 3.37
CA ALA A 92 -0.37 6.74 2.86
C ALA A 92 -0.10 6.89 1.36
N VAL A 93 -1.16 6.99 0.59
CA VAL A 93 -1.08 7.18 -0.85
C VAL A 93 -1.10 8.68 -1.14
N SER A 94 -0.12 9.14 -1.90
CA SER A 94 0.01 10.59 -2.13
C SER A 94 -1.24 11.18 -2.77
N ARG A 95 -1.46 12.48 -2.57
CA ARG A 95 -2.58 13.15 -3.20
C ARG A 95 -2.61 12.91 -4.72
N GLU A 96 -1.46 12.99 -5.38
CA GLU A 96 -1.41 12.74 -6.82
C GLU A 96 -1.85 11.30 -7.15
N ASP A 97 -1.28 10.32 -6.45
CA ASP A 97 -1.63 8.93 -6.75
C ASP A 97 -3.04 8.59 -6.34
N SER A 98 -3.60 9.34 -5.38
CA SER A 98 -4.96 9.09 -4.92
C SER A 98 -6.00 9.41 -5.97
N GLN A 99 -5.62 10.09 -7.05
CA GLN A 99 -6.54 10.39 -8.12
C GLN A 99 -6.75 9.20 -9.05
N ARG A 100 -5.91 8.16 -8.96
CA ARG A 100 -6.01 7.05 -9.90
C ARG A 100 -7.09 6.06 -9.47
N PRO A 101 -7.76 5.43 -10.43
CA PRO A 101 -8.79 4.44 -10.08
C PRO A 101 -8.22 3.33 -9.23
N GLY A 102 -8.92 3.02 -8.14
CA GLY A 102 -8.53 1.92 -7.29
C GLY A 102 -7.31 2.17 -6.43
N ALA A 103 -6.88 3.42 -6.27
CA ALA A 103 -5.67 3.67 -5.52
C ALA A 103 -5.79 3.26 -4.06
N HIS A 104 -6.99 3.26 -3.51
CA HIS A 104 -7.19 3.00 -2.09
C HIS A 104 -7.83 1.65 -1.81
N LEU A 105 -7.94 0.78 -2.81
CA LEU A 105 -8.46 -0.56 -2.57
C LEU A 105 -7.52 -1.38 -1.69
N THR A 106 -8.11 -2.29 -0.93
CA THR A 106 -7.36 -3.30 -0.18
C THR A 106 -7.24 -4.51 -1.08
N VAL A 107 -6.08 -4.69 -1.72
CA VAL A 107 -5.90 -5.82 -2.62
C VAL A 107 -4.60 -6.55 -2.30
N LYS A 108 -4.58 -7.81 -2.71
CA LYS A 108 -3.42 -8.66 -2.52
C LYS A 108 -2.68 -8.93 -3.82
N LYS A 109 -3.19 -8.47 -4.95
CA LYS A 109 -2.60 -8.76 -6.26
C LYS A 109 -2.11 -7.48 -6.91
N ILE A 110 -0.95 -7.55 -7.54
CA ILE A 110 -0.41 -6.46 -8.35
C ILE A 110 -0.36 -6.86 -9.83
N PHE A 111 -0.60 -5.87 -10.67
CA PHE A 111 -0.30 -5.91 -12.10
C PHE A 111 1.14 -5.44 -12.28
N VAL A 112 1.93 -6.19 -13.04
CA VAL A 112 3.33 -5.87 -13.32
C VAL A 112 3.43 -5.74 -14.83
N GLY A 113 3.63 -4.51 -15.31
CA GLY A 113 3.56 -4.21 -16.73
C GLY A 113 4.93 -3.92 -17.30
N GLY A 114 5.14 -4.34 -18.54
CA GLY A 114 6.36 -4.06 -19.24
C GLY A 114 7.50 -5.00 -18.93
N ILE A 115 7.22 -6.30 -18.78
CA ILE A 115 8.27 -7.28 -18.51
C ILE A 115 8.68 -7.93 -19.82
N LYS A 116 9.99 -8.18 -19.94
CA LYS A 116 10.58 -8.77 -21.15
C LYS A 116 9.99 -10.14 -21.46
N GLU A 117 10.11 -10.51 -22.74
CA GLU A 117 9.62 -11.79 -23.25
C GLU A 117 10.18 -12.98 -22.48
N ASP A 118 11.44 -12.92 -22.08
CA ASP A 118 12.07 -14.07 -21.44
C ASP A 118 11.96 -14.04 -19.92
N THR A 119 11.09 -13.20 -19.36
CA THR A 119 10.90 -13.18 -17.92
C THR A 119 10.29 -14.50 -17.45
N GLU A 120 10.88 -15.05 -16.39
CA GLU A 120 10.36 -16.26 -15.77
CA GLU A 120 10.45 -16.28 -15.76
C GLU A 120 10.06 -15.98 -14.30
N GLU A 121 9.41 -16.94 -13.64
CA GLU A 121 8.93 -16.67 -12.29
C GLU A 121 10.07 -16.33 -11.34
N HIS A 122 11.25 -16.93 -11.53
CA HIS A 122 12.33 -16.64 -10.62
C HIS A 122 12.74 -15.17 -10.67
N HIS A 123 12.57 -14.53 -11.83
CA HIS A 123 12.88 -13.10 -11.94
C HIS A 123 11.95 -12.31 -11.04
N LEU A 124 10.67 -12.67 -11.05
CA LEU A 124 9.69 -11.98 -10.23
C LEU A 124 9.90 -12.26 -8.74
N ARG A 125 10.23 -13.51 -8.39
CA ARG A 125 10.53 -13.80 -6.99
C ARG A 125 11.72 -12.99 -6.48
N ASP A 126 12.78 -12.90 -7.28
CA ASP A 126 14.01 -12.26 -6.83
C ASP A 126 13.84 -10.76 -6.63
N TYR A 127 12.80 -10.17 -7.21
CA TYR A 127 12.50 -8.79 -6.85
C TYR A 127 11.41 -8.70 -5.78
N PHE A 128 10.34 -9.50 -5.87
CA PHE A 128 9.17 -9.25 -5.04
C PHE A 128 9.17 -9.96 -3.69
N GLU A 129 9.96 -11.02 -3.50
CA GLU A 129 9.86 -11.77 -2.25
C GLU A 129 10.25 -10.91 -1.05
N GLN A 130 11.15 -9.94 -1.26
CA GLN A 130 11.56 -9.06 -0.18
CA GLN A 130 11.56 -9.03 -0.20
C GLN A 130 10.40 -8.24 0.38
N TYR A 131 9.30 -8.13 -0.34
CA TYR A 131 8.16 -7.35 0.13
C TYR A 131 7.13 -8.18 0.89
N GLY A 132 7.17 -9.49 0.80
CA GLY A 132 6.19 -10.28 1.52
C GLY A 132 6.05 -11.65 0.90
N LYS A 133 5.24 -12.46 1.57
CA LYS A 133 5.02 -13.83 1.14
C LYS A 133 4.21 -13.84 -0.16
N ILE A 134 4.76 -14.48 -1.19
CA ILE A 134 4.10 -14.60 -2.49
C ILE A 134 3.25 -15.87 -2.49
N GLU A 135 2.00 -15.74 -2.92
CA GLU A 135 1.10 -16.89 -2.99
C GLU A 135 0.93 -17.41 -4.41
N VAL A 136 0.87 -16.51 -5.40
CA VAL A 136 0.62 -16.86 -6.80
C VAL A 136 1.44 -15.95 -7.69
N ILE A 137 2.03 -16.51 -8.74
CA ILE A 137 2.69 -15.77 -9.80
C ILE A 137 2.09 -16.24 -11.12
N GLU A 138 1.66 -15.31 -11.96
CA GLU A 138 1.12 -15.67 -13.27
C GLU A 138 1.69 -14.74 -14.32
N ILE A 139 2.52 -15.27 -15.22
CA ILE A 139 3.04 -14.55 -16.37
C ILE A 139 2.08 -14.78 -17.53
N MET A 140 1.55 -13.70 -18.10
CA MET A 140 0.36 -13.81 -18.91
C MET A 140 0.72 -14.04 -20.38
N THR A 141 -0.02 -14.96 -21.00
CA THR A 141 0.15 -15.30 -22.40
C THR A 141 -1.18 -15.16 -23.11
N ASP A 142 -1.11 -15.05 -24.44
CA ASP A 142 -2.32 -15.16 -25.23
C ASP A 142 -2.71 -16.62 -25.27
N ARG A 143 -3.93 -16.94 -24.80
CA ARG A 143 -4.30 -18.34 -24.62
C ARG A 143 -4.14 -19.14 -25.91
N GLY A 144 -4.56 -18.55 -27.04
CA GLY A 144 -4.57 -19.30 -28.28
C GLY A 144 -3.20 -19.43 -28.92
N SER A 145 -2.47 -18.32 -29.03
CA SER A 145 -1.18 -18.33 -29.71
C SER A 145 -0.01 -18.72 -28.80
N GLY A 146 -0.20 -18.63 -27.49
CA GLY A 146 0.89 -18.85 -26.57
C GLY A 146 1.88 -17.71 -26.45
N LYS A 147 1.69 -16.61 -27.18
CA LYS A 147 2.65 -15.52 -27.14
C LYS A 147 2.62 -14.82 -25.79
N LYS A 148 3.80 -14.42 -25.32
CA LYS A 148 3.87 -13.65 -24.08
C LYS A 148 3.30 -12.26 -24.33
N ARG A 149 2.59 -11.74 -23.34
CA ARG A 149 1.91 -10.47 -23.49
C ARG A 149 2.60 -9.32 -22.79
N GLY A 150 3.67 -9.58 -22.05
CA GLY A 150 4.44 -8.51 -21.44
C GLY A 150 3.97 -8.03 -20.10
N PHE A 151 3.16 -8.81 -19.39
CA PHE A 151 2.74 -8.43 -18.05
C PHE A 151 2.49 -9.68 -17.25
N ALA A 152 2.43 -9.50 -15.94
CA ALA A 152 2.23 -10.58 -14.98
C ALA A 152 1.36 -10.10 -13.84
N PHE A 153 0.79 -11.05 -13.10
CA PHE A 153 0.13 -10.78 -11.83
C PHE A 153 0.87 -11.51 -10.73
N VAL A 154 1.09 -10.83 -9.60
CA VAL A 154 1.66 -11.45 -8.42
C VAL A 154 0.69 -11.23 -7.27
N THR A 155 0.36 -12.31 -6.58
CA THR A 155 -0.55 -12.27 -5.44
C THR A 155 0.23 -12.56 -4.16
N PHE A 156 0.06 -11.70 -3.16
CA PHE A 156 0.71 -11.83 -1.86
C PHE A 156 -0.29 -12.30 -0.82
N ASP A 157 0.26 -12.62 0.37
CA ASP A 157 -0.51 -13.02 1.54
C ASP A 157 -1.08 -11.84 2.33
N ASP A 158 -0.55 -10.63 2.14
CA ASP A 158 -0.86 -9.48 2.98
C ASP A 158 -1.05 -8.28 2.06
N HIS A 159 -2.16 -7.56 2.22
CA HIS A 159 -2.38 -6.36 1.42
C HIS A 159 -1.26 -5.33 1.63
N ASP A 160 -0.64 -5.31 2.82
CA ASP A 160 0.40 -4.32 3.05
C ASP A 160 1.63 -4.57 2.20
N SER A 161 1.87 -5.82 1.78
CA SER A 161 2.94 -6.08 0.83
C SER A 161 2.70 -5.33 -0.48
N VAL A 162 1.47 -5.39 -0.98
CA VAL A 162 1.10 -4.65 -2.17
C VAL A 162 1.27 -3.16 -1.95
N ASP A 163 0.80 -2.67 -0.80
CA ASP A 163 0.83 -1.22 -0.57
C ASP A 163 2.27 -0.71 -0.49
N LYS A 164 3.15 -1.45 0.19
CA LYS A 164 4.57 -1.06 0.26
C LYS A 164 5.19 -0.99 -1.13
N ILE A 165 4.75 -1.86 -2.04
CA ILE A 165 5.32 -1.91 -3.38
C ILE A 165 4.83 -0.72 -4.20
N VAL A 166 3.51 -0.51 -4.24
CA VAL A 166 2.98 0.42 -5.23
C VAL A 166 3.25 1.87 -4.87
N ILE A 167 3.58 2.19 -3.62
CA ILE A 167 3.95 3.56 -3.28
C ILE A 167 5.35 3.90 -3.80
N GLN A 168 6.16 2.91 -4.18
CA GLN A 168 7.46 3.20 -4.77
CA GLN A 168 7.46 3.20 -4.77
C GLN A 168 7.32 3.41 -6.28
N LYS A 169 8.27 4.15 -6.84
CA LYS A 169 8.22 4.52 -8.25
C LYS A 169 8.78 3.46 -9.18
N TYR A 170 9.92 2.86 -8.82
CA TYR A 170 10.68 2.01 -9.72
C TYR A 170 10.78 0.60 -9.15
N HIS A 171 10.82 -0.35 -10.08
CA HIS A 171 10.84 -1.77 -9.75
C HIS A 171 11.61 -2.49 -10.83
N THR A 172 12.66 -3.22 -10.47
CA THR A 172 13.55 -3.82 -11.44
C THR A 172 13.35 -5.34 -11.46
N VAL A 173 12.89 -5.86 -12.60
CA VAL A 173 12.61 -7.27 -12.79
C VAL A 173 13.31 -7.70 -14.06
N ASN A 174 14.07 -8.81 -13.99
CA ASN A 174 14.76 -9.33 -15.17
C ASN A 174 15.59 -8.22 -15.82
N GLY A 175 16.26 -7.42 -14.99
CA GLY A 175 17.22 -6.44 -15.44
C GLY A 175 16.68 -5.04 -15.73
N HIS A 176 15.37 -4.83 -15.76
CA HIS A 176 14.85 -3.57 -16.29
C HIS A 176 13.64 -3.11 -15.47
N ASN A 177 13.43 -1.80 -15.50
CA ASN A 177 12.28 -1.25 -14.81
C ASN A 177 10.96 -1.82 -15.32
N CYS A 178 10.01 -1.98 -14.41
CA CYS A 178 8.64 -2.30 -14.80
CA CYS A 178 8.63 -2.35 -14.75
C CYS A 178 7.68 -1.45 -13.96
N GLU A 179 6.46 -1.30 -14.47
CA GLU A 179 5.42 -0.52 -13.83
C GLU A 179 4.56 -1.46 -13.02
N VAL A 180 4.30 -1.11 -11.77
CA VAL A 180 3.56 -1.97 -10.86
C VAL A 180 2.38 -1.19 -10.31
N ARG A 181 1.18 -1.76 -10.44
CA ARG A 181 -0.04 -1.12 -9.96
CA ARG A 181 -0.05 -1.13 -9.98
C ARG A 181 -0.90 -2.14 -9.23
N LYS A 182 -1.80 -1.64 -8.41
CA LYS A 182 -2.80 -2.50 -7.78
C LYS A 182 -3.63 -3.15 -8.89
N ALA A 183 -3.95 -4.44 -8.72
CA ALA A 183 -4.74 -5.11 -9.74
C ALA A 183 -6.19 -4.67 -9.65
N LEU A 184 -6.75 -4.25 -10.78
CA LEU A 184 -8.17 -3.96 -10.90
C LEU A 184 -8.83 -5.16 -11.57
N SER A 185 -10.03 -5.51 -11.11
CA SER A 185 -10.75 -6.62 -11.70
C SER A 185 -11.15 -6.31 -13.14
N LYS A 186 -11.61 -7.35 -13.86
CA LYS A 186 -12.13 -7.14 -15.20
C LYS A 186 -13.15 -6.01 -15.23
N GLN A 187 -14.11 -6.02 -14.31
CA GLN A 187 -15.14 -4.98 -14.31
C GLN A 187 -14.59 -3.66 -13.83
N GLU A 188 -13.65 -3.67 -12.88
CA GLU A 188 -13.05 -2.42 -12.42
C GLU A 188 -12.26 -1.75 -13.54
N MET A 189 -11.46 -2.52 -14.29
CA MET A 189 -10.86 -2.02 -15.54
C MET A 189 -11.89 -1.37 -16.47
N ALA A 190 -13.01 -2.05 -16.71
CA ALA A 190 -14.01 -1.51 -17.61
C ALA A 190 -14.62 -0.21 -17.08
N SER A 191 -14.86 -0.14 -15.76
CA SER A 191 -15.42 1.08 -15.17
C SER A 191 -14.40 2.22 -15.16
N ALA A 192 -13.11 1.91 -15.19
CA ALA A 192 -12.08 2.96 -15.20
C ALA A 192 -11.85 3.53 -16.60
N SER A 193 -12.29 2.84 -17.65
CA SER A 193 -12.09 3.33 -19.02
C SER A 193 -12.91 4.59 -19.29
#